data_1PCJ
#
_entry.id   1PCJ
#
_cell.length_a   70.896
_cell.length_b   74.307
_cell.length_c   85.476
_cell.angle_alpha   90.00
_cell.angle_beta   90.00
_cell.angle_gamma   90.00
#
_symmetry.space_group_name_H-M   'P 21 21 21'
#
loop_
_entity.id
_entity.type
_entity.pdbx_description
1 polymer Phosphomannomutase
2 non-polymer 1-O-phosphono-alpha-D-mannopyranose
3 non-polymer 'ZINC ION'
4 water water
#
_entity_poly.entity_id   1
_entity_poly.type   'polypeptide(L)'
_entity_poly.pdbx_seq_one_letter_code
;MSTAKAPTLPASIFRAYDIRGVVGDTLTAETAYWIGRAIGSESLARGEPCVAVGRDGRLSGPELVKQLIQGLVDCGCQVS
DVGMVPTPVLYYAANVLEGKSGVMLTG(SEP)HNPPDYNGFKIVVAGETLANEQIQALRERIEKNDLASGVGSVEQVDIL
PRYFKQIRDDIAMAKPMKVVVDCGNGVAGVIAPQLIEALGCSVIPLYCEVDGNFPNHHPDPGKPENLKDLIAKVKAENAD
LGLAFDGDGDRVGVVTNTGTIIYPDRLLMLFAKDVVSRNPGADIIFDVKCTRRLIALISGYGGRPVMWKTGHSLIKKKMK
ETGALLAGEMSGHVFFKERWFGFDDGIYSAARLLEILSQDQRDSEHVFSAFPSDISTPEINITVTEDSKFAIIEALQRDA
QWGEGNITTLDGVRVDYPKGWGLVRASNTTPVLVLRFEADTEEELERIKTVFRNQLKAVDSSLPVPF
;
_entity_poly.pdbx_strand_id   X
#
# COMPACT_ATOMS: atom_id res chain seq x y z
N ALA A 6 -4.01 27.80 17.79
CA ALA A 6 -3.32 26.60 17.21
C ALA A 6 -1.83 26.90 16.96
N PRO A 7 -0.95 25.92 17.21
CA PRO A 7 0.49 26.08 17.02
C PRO A 7 0.96 25.87 15.57
N THR A 8 2.25 26.11 15.34
CA THR A 8 2.86 26.01 14.02
C THR A 8 3.49 24.63 13.78
N LEU A 9 2.79 23.77 13.04
CA LEU A 9 3.24 22.44 12.73
C LEU A 9 4.14 22.46 11.49
N PRO A 10 5.11 21.54 11.43
CA PRO A 10 6.00 21.44 10.27
C PRO A 10 5.26 21.02 8.99
N ALA A 11 5.59 21.68 7.89
CA ALA A 11 4.99 21.39 6.61
C ALA A 11 5.43 20.03 6.05
N SER A 12 6.62 19.57 6.44
CA SER A 12 7.20 18.37 5.85
C SER A 12 6.41 17.08 6.12
N ILE A 13 5.64 17.03 7.20
CA ILE A 13 4.84 15.83 7.50
C ILE A 13 3.58 15.70 6.63
N PHE A 14 3.21 16.78 5.95
CA PHE A 14 2.06 16.76 5.06
C PHE A 14 2.45 16.35 3.65
N ARG A 15 2.23 15.08 3.35
CA ARG A 15 2.72 14.46 2.14
C ARG A 15 1.61 14.22 1.13
N ALA A 16 1.98 13.71 -0.03
CA ALA A 16 1.03 13.48 -1.11
C ALA A 16 -0.07 12.45 -0.76
N TYR A 17 0.27 11.41 -0.02
CA TYR A 17 -0.64 10.27 0.19
C TYR A 17 -1.33 10.32 1.56
N ASP A 18 -0.64 10.93 2.52
CA ASP A 18 -1.03 10.91 3.92
C ASP A 18 -0.06 11.81 4.72
N ILE A 19 -0.18 11.78 6.05
CA ILE A 19 0.70 12.50 6.95
C ILE A 19 1.67 11.48 7.57
N ARG A 20 2.96 11.81 7.57
CA ARG A 20 4.03 10.90 8.03
C ARG A 20 5.08 11.75 8.78
N GLY A 21 5.43 11.32 9.97
CA GLY A 21 6.38 12.05 10.81
C GLY A 21 7.21 11.16 11.73
N VAL A 22 8.02 11.82 12.56
CA VAL A 22 8.90 11.14 13.52
C VAL A 22 8.53 11.62 14.90
N VAL A 23 8.13 10.70 15.78
CA VAL A 23 7.65 11.08 17.11
C VAL A 23 8.80 11.61 17.99
N GLY A 24 8.56 12.72 18.68
CA GLY A 24 9.59 13.44 19.39
C GLY A 24 10.26 14.53 18.56
N ASP A 25 10.14 14.41 17.24
CA ASP A 25 10.77 15.32 16.30
C ASP A 25 9.66 16.09 15.56
N THR A 26 9.23 15.60 14.40
CA THR A 26 8.24 16.32 13.61
C THR A 26 6.78 16.00 13.99
N LEU A 27 6.59 15.06 14.91
CA LEU A 27 5.25 14.66 15.35
C LEU A 27 5.18 14.53 16.87
N THR A 28 4.38 15.38 17.49
CA THR A 28 4.16 15.34 18.93
C THR A 28 2.71 15.01 19.22
N ALA A 29 2.40 14.89 20.52
CA ALA A 29 1.04 14.71 20.98
C ALA A 29 0.15 15.89 20.58
N GLU A 30 0.68 17.11 20.71
CA GLU A 30 -0.05 18.33 20.35
C GLU A 30 -0.40 18.33 18.87
N THR A 31 0.50 17.82 18.05
CA THR A 31 0.30 17.82 16.60
C THR A 31 -0.80 16.84 16.23
N ALA A 32 -0.83 15.70 16.90
CA ALA A 32 -1.90 14.72 16.72
C ALA A 32 -3.25 15.37 17.09
N TYR A 33 -3.28 16.17 18.15
CA TYR A 33 -4.51 16.85 18.57
C TYR A 33 -5.05 17.76 17.45
N TRP A 34 -4.21 18.65 16.93
CA TRP A 34 -4.65 19.62 15.95
C TRP A 34 -4.93 18.98 14.60
N ILE A 35 -4.23 17.90 14.26
CA ILE A 35 -4.57 17.13 13.07
C ILE A 35 -5.96 16.49 13.23
N GLY A 36 -6.27 15.99 14.42
CA GLY A 36 -7.62 15.50 14.72
C GLY A 36 -8.67 16.60 14.55
N ARG A 37 -8.34 17.78 15.05
CA ARG A 37 -9.22 18.93 14.89
C ARG A 37 -9.46 19.26 13.40
N ALA A 38 -8.41 19.17 12.59
CA ALA A 38 -8.52 19.53 11.19
C ALA A 38 -9.35 18.49 10.44
N ILE A 39 -9.14 17.22 10.75
CA ILE A 39 -9.88 16.14 10.10
C ILE A 39 -11.35 16.18 10.46
N GLY A 40 -11.63 16.43 11.74
CA GLY A 40 -12.98 16.53 12.23
C GLY A 40 -13.72 17.65 11.52
N SER A 41 -13.04 18.79 11.38
CA SER A 41 -13.62 19.95 10.71
C SER A 41 -13.93 19.64 9.25
N GLU A 42 -13.04 18.95 8.56
CA GLU A 42 -13.22 18.63 7.15
C GLU A 42 -14.34 17.60 6.99
N SER A 43 -14.39 16.63 7.88
CA SER A 43 -15.46 15.63 7.83
C SER A 43 -16.82 16.31 7.97
N LEU A 44 -16.94 17.20 8.94
CA LEU A 44 -18.19 17.94 9.17
C LEU A 44 -18.58 18.83 7.98
N ALA A 45 -17.59 19.46 7.35
CA ALA A 45 -17.83 20.28 6.16
C ALA A 45 -18.35 19.42 5.02
N ARG A 46 -18.04 18.12 5.04
CA ARG A 46 -18.57 17.17 4.06
C ARG A 46 -19.86 16.43 4.49
N GLY A 47 -20.44 16.87 5.60
CA GLY A 47 -21.70 16.36 6.10
C GLY A 47 -21.60 15.08 6.92
N GLU A 48 -20.40 14.79 7.42
CA GLU A 48 -20.14 13.51 8.10
C GLU A 48 -19.61 13.73 9.52
N PRO A 49 -20.47 13.66 10.52
CA PRO A 49 -20.02 13.81 11.91
C PRO A 49 -19.34 12.55 12.49
N CYS A 50 -19.46 11.41 11.83
CA CYS A 50 -19.07 10.13 12.41
C CYS A 50 -17.74 9.66 11.82
N VAL A 51 -16.79 9.39 12.70
CA VAL A 51 -15.42 9.10 12.30
C VAL A 51 -14.89 7.91 13.08
N ALA A 52 -14.41 6.89 12.39
CA ALA A 52 -13.72 5.78 13.06
C ALA A 52 -12.24 6.13 13.25
N VAL A 53 -11.64 5.64 14.32
CA VAL A 53 -10.23 5.85 14.59
C VAL A 53 -9.58 4.52 14.98
N GLY A 54 -8.50 4.16 14.28
CA GLY A 54 -7.69 2.99 14.61
C GLY A 54 -6.25 3.39 14.85
N ARG A 55 -5.48 2.48 15.44
CA ARG A 55 -4.03 2.68 15.57
C ARG A 55 -3.29 1.35 15.37
N ASP A 56 -2.03 1.40 14.96
CA ASP A 56 -1.23 0.17 14.82
C ASP A 56 -0.52 -0.15 16.14
N GLY A 57 0.46 -1.05 16.11
CA GLY A 57 1.13 -1.51 17.30
C GLY A 57 2.41 -0.77 17.67
N ARG A 58 2.49 0.51 17.31
CA ARG A 58 3.68 1.29 17.60
C ARG A 58 3.70 1.78 19.04
N LEU A 59 4.91 2.07 19.53
CA LEU A 59 5.12 2.45 20.91
C LEU A 59 4.41 3.77 21.22
N SER A 60 4.40 4.67 20.26
CA SER A 60 3.74 5.97 20.37
C SER A 60 2.21 5.96 20.15
N GLY A 61 1.66 4.80 19.78
CA GLY A 61 0.24 4.64 19.51
C GLY A 61 -0.72 5.14 20.58
N PRO A 62 -0.67 4.56 21.78
CA PRO A 62 -1.51 5.02 22.89
C PRO A 62 -1.48 6.53 23.17
N GLU A 63 -0.32 7.18 23.18
CA GLU A 63 -0.23 8.61 23.48
C GLU A 63 -0.85 9.47 22.37
N LEU A 64 -0.49 9.20 21.13
CA LEU A 64 -0.96 10.02 20.03
C LEU A 64 -2.43 9.76 19.69
N VAL A 65 -2.92 8.55 19.95
CA VAL A 65 -4.29 8.21 19.54
C VAL A 65 -5.33 8.90 20.42
N LYS A 66 -5.04 9.01 21.72
CA LYS A 66 -5.91 9.77 22.62
C LYS A 66 -6.05 11.24 22.19
N GLN A 67 -4.97 11.84 21.71
CA GLN A 67 -4.98 13.23 21.23
C GLN A 67 -5.71 13.38 19.90
N LEU A 68 -5.53 12.41 19.01
CA LEU A 68 -6.29 12.39 17.74
C LEU A 68 -7.78 12.34 18.03
N ILE A 69 -8.18 11.42 18.89
CA ILE A 69 -9.57 11.27 19.28
C ILE A 69 -10.13 12.55 19.91
N GLN A 70 -9.37 13.16 20.81
CA GLN A 70 -9.82 14.38 21.48
C GLN A 70 -10.00 15.53 20.51
N GLY A 71 -9.16 15.59 19.48
CA GLY A 71 -9.26 16.65 18.48
C GLY A 71 -10.54 16.48 17.70
N LEU A 72 -10.87 15.23 17.37
CA LEU A 72 -12.11 14.92 16.70
C LEU A 72 -13.32 15.23 17.58
N VAL A 73 -13.32 14.78 18.84
CA VAL A 73 -14.49 15.07 19.69
C VAL A 73 -14.67 16.56 19.92
N ASP A 74 -13.56 17.31 19.95
CA ASP A 74 -13.60 18.76 20.17
C ASP A 74 -14.17 19.55 18.98
N CYS A 75 -14.44 18.87 17.87
CA CYS A 75 -15.16 19.46 16.73
C CYS A 75 -16.66 19.23 16.82
N GLY A 76 -17.07 18.30 17.68
CA GLY A 76 -18.44 17.82 17.73
C GLY A 76 -18.65 16.47 17.06
N CYS A 77 -17.56 15.76 16.72
CA CYS A 77 -17.65 14.50 16.01
C CYS A 77 -18.03 13.34 16.94
N GLN A 78 -18.74 12.37 16.37
CA GLN A 78 -19.02 11.12 17.03
C GLN A 78 -17.97 10.09 16.60
N VAL A 79 -17.02 9.81 17.48
CA VAL A 79 -15.89 8.95 17.17
C VAL A 79 -16.23 7.49 17.50
N SER A 80 -15.83 6.58 16.63
CA SER A 80 -15.85 5.15 16.92
C SER A 80 -14.42 4.70 17.06
N ASP A 81 -14.03 4.35 18.28
CA ASP A 81 -12.67 3.98 18.59
C ASP A 81 -12.54 2.46 18.49
N VAL A 82 -11.91 1.99 17.39
CA VAL A 82 -11.72 0.56 17.15
C VAL A 82 -10.45 -0.04 17.74
N GLY A 83 -9.70 0.79 18.47
CA GLY A 83 -8.52 0.34 19.19
C GLY A 83 -7.34 0.07 18.28
N MET A 84 -6.54 -0.93 18.64
CA MET A 84 -5.36 -1.32 17.88
C MET A 84 -5.71 -2.33 16.81
N VAL A 85 -5.60 -1.94 15.55
CA VAL A 85 -5.99 -2.80 14.42
C VAL A 85 -5.08 -2.60 13.23
N PRO A 86 -5.05 -3.56 12.31
CA PRO A 86 -4.48 -3.31 10.98
C PRO A 86 -5.18 -2.17 10.27
N THR A 87 -4.40 -1.40 9.53
CA THR A 87 -4.93 -0.37 8.65
C THR A 87 -6.21 -0.75 7.88
N PRO A 88 -6.21 -1.86 7.13
CA PRO A 88 -7.42 -2.28 6.45
C PRO A 88 -8.63 -2.52 7.34
N VAL A 89 -8.45 -2.89 8.61
CA VAL A 89 -9.58 -3.07 9.50
C VAL A 89 -10.20 -1.71 9.85
N LEU A 90 -9.38 -0.66 9.90
CA LEU A 90 -9.88 0.69 10.05
C LEU A 90 -10.67 1.13 8.81
N TYR A 91 -10.17 0.83 7.62
CA TYR A 91 -10.89 1.12 6.37
C TYR A 91 -12.21 0.35 6.33
N TYR A 92 -12.18 -0.90 6.78
CA TYR A 92 -13.37 -1.73 6.91
C TYR A 92 -14.41 -1.02 7.80
N ALA A 93 -14.00 -0.57 8.98
CA ALA A 93 -14.87 0.18 9.87
C ALA A 93 -15.51 1.40 9.20
N ALA A 94 -14.71 2.17 8.45
CA ALA A 94 -15.23 3.32 7.72
C ALA A 94 -16.12 2.96 6.52
N ASN A 95 -16.29 1.67 6.24
CA ASN A 95 -17.26 1.19 5.25
C ASN A 95 -18.49 0.52 5.85
N VAL A 96 -18.40 0.00 7.09
CA VAL A 96 -19.53 -0.74 7.70
C VAL A 96 -20.22 -0.06 8.90
N LEU A 97 -19.55 0.89 9.55
CA LEU A 97 -20.15 1.62 10.64
C LEU A 97 -21.01 2.74 10.08
N GLU A 98 -21.56 3.59 10.94
CA GLU A 98 -22.45 4.66 10.52
C GLU A 98 -21.72 5.69 9.62
N GLY A 99 -20.56 6.12 10.07
CA GLY A 99 -19.76 7.11 9.35
C GLY A 99 -18.95 6.51 8.21
N LYS A 100 -18.73 7.34 7.18
CA LYS A 100 -17.82 7.01 6.09
C LYS A 100 -16.47 7.72 6.23
N SER A 101 -16.22 8.29 7.41
CA SER A 101 -14.92 8.87 7.71
C SER A 101 -14.11 7.98 8.64
N GLY A 102 -12.80 8.00 8.47
CA GLY A 102 -11.90 7.18 9.27
C GLY A 102 -10.49 7.71 9.28
N VAL A 103 -9.82 7.59 10.41
CA VAL A 103 -8.41 7.94 10.51
C VAL A 103 -7.64 6.79 11.12
N MET A 104 -6.55 6.38 10.46
CA MET A 104 -5.65 5.37 10.98
C MET A 104 -4.34 6.01 11.41
N LEU A 105 -3.99 5.84 12.67
CA LEU A 105 -2.71 6.30 13.19
C LEU A 105 -1.67 5.21 12.98
N THR A 106 -0.79 5.42 12.01
CA THR A 106 0.21 4.43 11.66
C THR A 106 1.46 5.04 11.02
N GLY A 107 2.60 4.41 11.30
CA GLY A 107 3.85 4.67 10.62
C GLY A 107 4.24 3.60 9.60
N HIS A 109 5.55 0.87 7.46
CA HIS A 109 6.67 -0.09 7.49
C HIS A 109 7.94 0.53 8.07
N ASN A 110 7.86 1.81 8.46
CA ASN A 110 9.05 2.59 8.86
C ASN A 110 9.58 2.21 10.24
N PRO A 111 10.81 2.63 10.59
CA PRO A 111 11.38 2.33 11.92
C PRO A 111 10.50 2.72 13.12
N PRO A 112 10.78 2.17 14.30
CA PRO A 112 9.89 2.30 15.46
C PRO A 112 9.33 3.70 15.78
N ASP A 113 10.14 4.74 15.67
CA ASP A 113 9.76 6.08 16.12
C ASP A 113 8.84 6.80 15.15
N TYR A 114 8.64 6.25 13.96
CA TYR A 114 7.79 6.87 12.95
C TYR A 114 6.31 6.68 13.33
N ASN A 115 5.49 7.68 13.03
CA ASN A 115 4.03 7.51 13.00
C ASN A 115 3.44 8.43 11.94
N GLY A 116 2.12 8.58 11.93
CA GLY A 116 1.44 9.15 10.77
C GLY A 116 -0.06 8.91 10.79
N PHE A 117 -0.73 9.42 9.75
CA PHE A 117 -2.18 9.39 9.67
C PHE A 117 -2.59 9.11 8.24
N LYS A 118 -3.39 8.07 8.05
CA LYS A 118 -4.06 7.82 6.78
C LYS A 118 -5.53 8.16 7.00
N ILE A 119 -6.08 8.94 6.08
CA ILE A 119 -7.31 9.68 6.33
C ILE A 119 -8.35 9.48 5.23
N VAL A 120 -9.52 9.04 5.64
CA VAL A 120 -10.66 8.93 4.77
C VAL A 120 -11.76 9.86 5.30
N VAL A 121 -12.28 10.72 4.44
CA VAL A 121 -13.34 11.65 4.81
C VAL A 121 -14.51 11.47 3.85
N ALA A 122 -15.67 11.12 4.42
CA ALA A 122 -16.91 10.96 3.66
C ALA A 122 -16.71 10.08 2.42
N GLY A 123 -15.99 8.97 2.61
CA GLY A 123 -15.76 7.98 1.58
C GLY A 123 -14.47 8.18 0.80
N GLU A 124 -13.97 9.41 0.76
CA GLU A 124 -12.81 9.78 -0.03
C GLU A 124 -11.49 9.68 0.75
N THR A 125 -10.56 8.90 0.23
CA THR A 125 -9.20 8.93 0.74
C THR A 125 -8.53 10.23 0.33
N LEU A 126 -8.02 10.98 1.29
CA LEU A 126 -7.42 12.28 1.01
C LEU A 126 -6.01 12.11 0.44
N ALA A 127 -5.68 12.98 -0.51
CA ALA A 127 -4.35 13.06 -1.12
C ALA A 127 -4.05 14.49 -1.58
N ASN A 128 -2.76 14.78 -1.71
CA ASN A 128 -2.26 15.97 -2.40
C ASN A 128 -2.76 17.26 -1.75
N GLU A 129 -3.49 18.08 -2.49
CA GLU A 129 -4.04 19.34 -1.96
C GLU A 129 -5.06 19.15 -0.81
N GLN A 130 -5.67 17.98 -0.71
CA GLN A 130 -6.59 17.69 0.40
C GLN A 130 -5.85 17.52 1.73
N ILE A 131 -4.66 16.94 1.67
CA ILE A 131 -3.82 16.84 2.85
C ILE A 131 -3.31 18.25 3.22
N GLN A 132 -2.86 19.00 2.23
CA GLN A 132 -2.46 20.39 2.44
C GLN A 132 -3.59 21.22 3.04
N ALA A 133 -4.83 20.93 2.67
CA ALA A 133 -5.97 21.70 3.15
C ALA A 133 -6.13 21.54 4.68
N LEU A 134 -5.77 20.37 5.20
CA LEU A 134 -5.75 20.13 6.64
C LEU A 134 -4.70 21.02 7.33
N ARG A 135 -3.49 21.00 6.80
CA ARG A 135 -2.41 21.85 7.28
C ARG A 135 -2.87 23.31 7.31
N GLU A 136 -3.58 23.72 6.26
CA GLU A 136 -4.04 25.09 6.09
C GLU A 136 -5.14 25.46 7.08
N ARG A 137 -6.07 24.55 7.35
CA ARG A 137 -7.10 24.78 8.37
C ARG A 137 -6.48 25.13 9.69
N ILE A 138 -5.41 24.43 10.06
CA ILE A 138 -4.79 24.63 11.36
C ILE A 138 -4.11 26.02 11.40
N GLU A 139 -3.41 26.36 10.33
CA GLU A 139 -2.75 27.68 10.24
C GLU A 139 -3.75 28.81 10.31
N LYS A 140 -4.92 28.63 9.68
CA LYS A 140 -5.96 29.66 9.60
C LYS A 140 -6.92 29.66 10.79
N ASN A 141 -6.78 28.68 11.68
CA ASN A 141 -7.78 28.39 12.71
C ASN A 141 -9.18 28.24 12.12
N ASP A 142 -9.25 27.66 10.92
CA ASP A 142 -10.52 27.35 10.27
C ASP A 142 -10.96 25.96 10.78
N LEU A 143 -11.42 25.93 12.03
CA LEU A 143 -11.64 24.69 12.76
C LEU A 143 -12.99 24.70 13.49
N ALA A 144 -13.68 23.57 13.42
CA ALA A 144 -14.95 23.38 14.11
C ALA A 144 -14.73 23.26 15.60
N SER A 145 -15.77 23.61 16.34
CA SER A 145 -15.82 23.54 17.80
C SER A 145 -17.15 22.92 18.19
N GLY A 146 -17.09 21.91 19.06
CA GLY A 146 -18.28 21.25 19.53
C GLY A 146 -18.01 20.25 20.65
N VAL A 147 -19.07 19.62 21.11
CA VAL A 147 -19.00 18.65 22.20
C VAL A 147 -19.33 17.30 21.59
N GLY A 148 -18.29 16.57 21.22
CA GLY A 148 -18.46 15.31 20.55
C GLY A 148 -18.55 14.18 21.55
N SER A 149 -18.29 12.97 21.07
CA SER A 149 -18.40 11.75 21.87
C SER A 149 -17.52 10.63 21.31
N VAL A 150 -17.21 9.65 22.17
CA VAL A 150 -16.46 8.47 21.78
C VAL A 150 -17.19 7.21 22.22
N GLU A 151 -17.37 6.28 21.30
CA GLU A 151 -17.88 4.95 21.61
C GLU A 151 -16.81 3.97 21.21
N GLN A 152 -16.56 2.97 22.04
CA GLN A 152 -15.63 1.91 21.70
C GLN A 152 -16.36 0.89 20.88
N VAL A 153 -15.70 0.40 19.83
CA VAL A 153 -16.23 -0.59 18.93
C VAL A 153 -15.19 -1.71 18.78
N ASP A 154 -15.58 -2.93 19.10
CA ASP A 154 -14.77 -4.13 18.92
C ASP A 154 -15.11 -4.70 17.55
N ILE A 155 -14.40 -4.25 16.51
CA ILE A 155 -14.78 -4.58 15.12
C ILE A 155 -14.03 -5.77 14.52
N LEU A 156 -12.93 -6.17 15.15
CA LEU A 156 -12.10 -7.25 14.60
C LEU A 156 -12.87 -8.56 14.39
N PRO A 157 -13.68 -9.02 15.34
CA PRO A 157 -14.50 -10.23 15.10
C PRO A 157 -15.45 -10.12 13.89
N ARG A 158 -15.96 -8.94 13.59
CA ARG A 158 -16.85 -8.77 12.44
C ARG A 158 -16.08 -8.89 11.13
N TYR A 159 -14.90 -8.28 11.08
CA TYR A 159 -13.99 -8.32 9.94
C TYR A 159 -13.55 -9.78 9.67
N PHE A 160 -13.16 -10.46 10.75
CA PHE A 160 -12.75 -11.86 10.72
C PHE A 160 -13.81 -12.73 10.04
N LYS A 161 -15.04 -12.62 10.53
CA LYS A 161 -16.16 -13.43 10.07
C LYS A 161 -16.55 -13.09 8.63
N GLN A 162 -16.53 -11.80 8.28
CA GLN A 162 -16.86 -11.38 6.93
C GLN A 162 -15.93 -12.04 5.90
N ILE A 163 -14.64 -12.08 6.20
CA ILE A 163 -13.67 -12.73 5.32
C ILE A 163 -13.86 -14.25 5.31
N ARG A 164 -13.85 -14.84 6.49
CA ARG A 164 -14.00 -16.29 6.63
C ARG A 164 -15.23 -16.83 5.90
N ASP A 165 -16.35 -16.12 5.98
CA ASP A 165 -17.61 -16.59 5.39
C ASP A 165 -17.69 -16.43 3.88
N ASP A 166 -16.76 -15.70 3.27
CA ASP A 166 -16.72 -15.57 1.81
C ASP A 166 -15.54 -16.26 1.13
N ILE A 167 -14.61 -16.83 1.89
CA ILE A 167 -13.50 -17.56 1.31
C ILE A 167 -13.78 -19.06 1.37
N ALA A 168 -13.54 -19.75 0.27
CA ALA A 168 -13.86 -21.17 0.15
C ALA A 168 -12.65 -21.93 -0.33
N MET A 169 -11.80 -22.33 0.61
CA MET A 169 -10.63 -23.15 0.29
C MET A 169 -11.04 -24.58 -0.01
N ALA A 170 -10.51 -25.12 -1.11
CA ALA A 170 -10.91 -26.42 -1.62
C ALA A 170 -10.12 -27.55 -0.97
N LYS A 171 -9.04 -27.20 -0.26
CA LYS A 171 -8.20 -28.19 0.41
C LYS A 171 -7.21 -27.52 1.36
N PRO A 172 -6.61 -28.30 2.27
CA PRO A 172 -5.69 -27.72 3.26
C PRO A 172 -4.35 -27.25 2.68
N MET A 173 -3.83 -26.18 3.25
CA MET A 173 -2.50 -25.71 2.92
C MET A 173 -1.72 -25.45 4.21
N LYS A 174 -0.40 -25.60 4.14
CA LYS A 174 0.47 -25.30 5.27
C LYS A 174 1.23 -24.04 4.90
N VAL A 175 1.04 -22.98 5.68
CA VAL A 175 1.53 -21.65 5.34
C VAL A 175 2.37 -21.06 6.47
N VAL A 176 3.56 -20.56 6.14
CA VAL A 176 4.33 -19.77 7.08
C VAL A 176 3.88 -18.33 6.98
N VAL A 177 3.64 -17.69 8.12
CA VAL A 177 3.17 -16.30 8.16
C VAL A 177 4.10 -15.45 9.00
N ASP A 178 4.73 -14.47 8.36
CA ASP A 178 5.66 -13.55 8.99
C ASP A 178 4.98 -12.18 9.13
N CYS A 179 4.67 -11.79 10.36
CA CYS A 179 4.08 -10.47 10.63
C CYS A 179 5.10 -9.36 10.95
N GLY A 180 6.37 -9.71 11.16
CA GLY A 180 7.41 -8.73 11.39
C GLY A 180 7.25 -7.95 12.68
N ASN A 181 6.54 -8.54 13.63
CA ASN A 181 6.18 -7.92 14.90
C ASN A 181 5.30 -6.69 14.79
N GLY A 182 4.64 -6.53 13.63
CA GLY A 182 3.68 -5.48 13.42
C GLY A 182 2.31 -5.93 13.86
N VAL A 183 1.30 -5.14 13.53
CA VAL A 183 -0.04 -5.34 14.03
C VAL A 183 -0.86 -6.45 13.34
N ALA A 184 -0.39 -6.95 12.21
CA ALA A 184 -1.08 -8.06 11.53
C ALA A 184 -1.18 -9.30 12.40
N GLY A 185 -0.30 -9.44 13.39
CA GLY A 185 -0.34 -10.56 14.31
C GLY A 185 -1.60 -10.68 15.15
N VAL A 186 -2.42 -9.63 15.20
CA VAL A 186 -3.68 -9.67 15.95
C VAL A 186 -4.79 -10.46 15.25
N ILE A 187 -4.61 -10.77 13.97
CA ILE A 187 -5.66 -11.44 13.19
C ILE A 187 -5.19 -12.36 12.06
N ALA A 188 -4.09 -12.05 11.37
CA ALA A 188 -3.72 -12.80 10.17
C ALA A 188 -3.44 -14.30 10.41
N PRO A 189 -2.59 -14.67 11.37
CA PRO A 189 -2.34 -16.09 11.62
C PRO A 189 -3.61 -16.86 12.02
N GLN A 190 -4.42 -16.24 12.88
CA GLN A 190 -5.68 -16.82 13.36
C GLN A 190 -6.69 -16.99 12.20
N LEU A 191 -6.83 -15.95 11.37
CA LEU A 191 -7.77 -15.97 10.26
C LEU A 191 -7.37 -17.00 9.18
N ILE A 192 -6.08 -17.04 8.83
CA ILE A 192 -5.59 -17.97 7.83
C ILE A 192 -5.78 -19.41 8.31
N GLU A 193 -5.56 -19.66 9.59
CA GLU A 193 -5.86 -20.96 10.17
C GLU A 193 -7.36 -21.26 10.02
N ALA A 194 -8.20 -20.29 10.33
CA ALA A 194 -9.66 -20.46 10.25
C ALA A 194 -10.15 -20.79 8.84
N LEU A 195 -9.41 -20.34 7.84
CA LEU A 195 -9.77 -20.61 6.45
C LEU A 195 -9.61 -22.09 6.11
N GLY A 196 -8.72 -22.76 6.84
CA GLY A 196 -8.45 -24.18 6.67
C GLY A 196 -6.97 -24.49 6.45
N CYS A 197 -6.11 -23.70 7.08
CA CYS A 197 -4.67 -23.85 6.93
C CYS A 197 -4.01 -24.26 8.24
N SER A 198 -2.86 -24.91 8.14
CA SER A 198 -1.93 -24.99 9.25
C SER A 198 -1.00 -23.80 9.12
N VAL A 199 -0.74 -23.12 10.22
CA VAL A 199 0.06 -21.91 10.18
C VAL A 199 1.30 -22.03 11.07
N ILE A 200 2.44 -21.66 10.49
CA ILE A 200 3.73 -21.59 11.18
C ILE A 200 4.02 -20.11 11.37
N PRO A 201 3.91 -19.59 12.60
CA PRO A 201 4.10 -18.16 12.85
C PRO A 201 5.58 -17.77 12.93
N LEU A 202 5.88 -16.60 12.38
CA LEU A 202 7.18 -15.95 12.51
C LEU A 202 6.94 -14.50 12.89
N TYR A 203 7.43 -14.08 14.05
CA TYR A 203 7.35 -12.69 14.48
C TYR A 203 5.90 -12.17 14.51
N CYS A 204 5.01 -12.97 15.08
CA CYS A 204 3.59 -12.65 15.07
C CYS A 204 3.15 -11.99 16.38
N GLU A 205 4.05 -11.93 17.35
CA GLU A 205 3.82 -11.11 18.54
C GLU A 205 3.95 -9.64 18.16
N VAL A 206 2.96 -8.84 18.53
CA VAL A 206 2.97 -7.41 18.29
C VAL A 206 4.00 -6.78 19.21
N ASP A 207 4.98 -6.10 18.63
CA ASP A 207 6.05 -5.49 19.40
C ASP A 207 6.61 -4.30 18.63
N GLY A 208 6.30 -3.10 19.14
CA GLY A 208 6.69 -1.87 18.46
C GLY A 208 8.17 -1.54 18.41
N ASN A 209 9.00 -2.28 19.16
CA ASN A 209 10.46 -2.16 19.04
C ASN A 209 11.02 -2.81 17.76
N PHE A 210 10.22 -3.64 17.11
CA PHE A 210 10.64 -4.37 15.90
C PHE A 210 12.05 -4.97 16.06
N PRO A 211 12.20 -5.88 17.03
CA PRO A 211 13.52 -6.44 17.38
C PRO A 211 14.08 -7.49 16.40
N ASN A 212 13.31 -7.90 15.39
CA ASN A 212 13.72 -9.02 14.53
C ASN A 212 14.16 -8.63 13.12
N HIS A 213 13.20 -8.28 12.27
CA HIS A 213 13.46 -7.51 11.06
C HIS A 213 12.32 -6.51 10.92
N HIS A 214 12.60 -5.39 10.27
CA HIS A 214 11.55 -4.40 10.06
C HIS A 214 10.44 -5.05 9.21
N PRO A 215 9.17 -4.74 9.51
CA PRO A 215 8.05 -5.32 8.78
C PRO A 215 7.85 -4.61 7.44
N ASP A 216 8.69 -5.01 6.49
CA ASP A 216 8.76 -4.37 5.19
C ASP A 216 9.07 -5.47 4.16
N PRO A 217 8.04 -6.14 3.67
CA PRO A 217 8.22 -7.31 2.78
C PRO A 217 8.64 -6.95 1.35
N GLY A 218 8.80 -5.66 1.05
CA GLY A 218 9.25 -5.23 -0.27
C GLY A 218 10.73 -5.42 -0.48
N LYS A 219 11.48 -5.56 0.61
CA LYS A 219 12.91 -5.77 0.57
C LYS A 219 13.20 -7.27 0.77
N PRO A 220 13.85 -7.92 -0.19
CA PRO A 220 14.16 -9.36 -0.10
C PRO A 220 14.79 -9.79 1.21
N GLU A 221 15.62 -8.93 1.81
CA GLU A 221 16.33 -9.27 3.05
C GLU A 221 15.37 -9.53 4.21
N ASN A 222 14.21 -8.86 4.19
CA ASN A 222 13.16 -9.06 5.19
C ASN A 222 12.31 -10.32 4.97
N LEU A 223 12.56 -11.02 3.88
CA LEU A 223 11.94 -12.31 3.60
C LEU A 223 12.89 -13.49 3.79
N LYS A 224 14.14 -13.24 4.20
CA LYS A 224 15.13 -14.32 4.34
C LYS A 224 14.66 -15.41 5.31
N ASP A 225 14.16 -14.99 6.48
CA ASP A 225 13.72 -15.92 7.51
C ASP A 225 12.49 -16.71 7.04
N LEU A 226 11.59 -16.03 6.33
CA LEU A 226 10.38 -16.64 5.79
C LEU A 226 10.73 -17.74 4.78
N ILE A 227 11.61 -17.42 3.84
CA ILE A 227 12.07 -18.36 2.83
C ILE A 227 12.70 -19.61 3.47
N ALA A 228 13.56 -19.42 4.45
CA ALA A 228 14.21 -20.53 5.14
C ALA A 228 13.21 -21.42 5.87
N LYS A 229 12.21 -20.81 6.51
CA LYS A 229 11.21 -21.56 7.28
C LYS A 229 10.28 -22.36 6.36
N VAL A 230 9.87 -21.74 5.26
CA VAL A 230 9.08 -22.43 4.25
C VAL A 230 9.78 -23.70 3.80
N LYS A 231 11.06 -23.58 3.44
CA LYS A 231 11.86 -24.72 3.01
C LYS A 231 12.09 -25.75 4.12
N ALA A 232 12.42 -25.28 5.32
CA ALA A 232 12.66 -26.17 6.45
C ALA A 232 11.42 -26.99 6.85
N GLU A 233 10.25 -26.37 6.75
CA GLU A 233 9.00 -27.03 7.15
C GLU A 233 8.23 -27.65 5.97
N ASN A 234 8.82 -27.64 4.77
CA ASN A 234 8.13 -28.12 3.56
C ASN A 234 6.72 -27.51 3.40
N ALA A 235 6.63 -26.20 3.62
CA ALA A 235 5.36 -25.47 3.54
C ALA A 235 4.95 -25.20 2.10
N ASP A 236 3.64 -25.03 1.89
CA ASP A 236 3.07 -24.76 0.57
C ASP A 236 3.26 -23.30 0.10
N LEU A 237 3.33 -22.38 1.06
CA LEU A 237 3.44 -20.95 0.77
C LEU A 237 4.00 -20.18 1.96
N GLY A 238 4.66 -19.06 1.67
CA GLY A 238 5.06 -18.13 2.72
C GLY A 238 4.37 -16.81 2.47
N LEU A 239 3.93 -16.17 3.54
CA LEU A 239 3.29 -14.86 3.48
C LEU A 239 3.93 -13.94 4.49
N ALA A 240 4.20 -12.70 4.07
CA ALA A 240 4.72 -11.68 4.95
C ALA A 240 3.84 -10.43 4.88
N PHE A 241 3.58 -9.82 6.03
CA PHE A 241 2.85 -8.56 6.07
C PHE A 241 3.75 -7.43 6.52
N ASP A 242 3.45 -6.23 6.04
CA ASP A 242 4.15 -5.05 6.50
C ASP A 242 3.57 -4.62 7.85
N GLY A 243 4.12 -3.58 8.44
CA GLY A 243 3.79 -3.20 9.81
C GLY A 243 2.30 -2.99 10.10
N ASP A 244 1.57 -2.41 9.15
CA ASP A 244 0.17 -2.07 9.39
C ASP A 244 -0.82 -2.96 8.63
N GLY A 245 -0.29 -3.93 7.89
CA GLY A 245 -1.09 -4.96 7.26
C GLY A 245 -1.77 -4.62 5.94
N ASP A 246 -1.46 -3.48 5.34
CA ASP A 246 -2.02 -3.14 4.04
C ASP A 246 -1.15 -3.57 2.86
N ARG A 247 0.02 -4.16 3.16
CA ARG A 247 0.86 -4.76 2.14
C ARG A 247 1.13 -6.21 2.47
N VAL A 248 1.25 -7.02 1.43
CA VAL A 248 1.59 -8.44 1.56
C VAL A 248 2.76 -8.78 0.62
N GLY A 249 3.61 -9.71 1.06
CA GLY A 249 4.62 -10.31 0.21
C GLY A 249 4.44 -11.83 0.21
N VAL A 250 4.94 -12.49 -0.83
CA VAL A 250 4.60 -13.87 -1.12
C VAL A 250 5.85 -14.66 -1.54
N VAL A 251 6.01 -15.85 -1.00
CA VAL A 251 7.00 -16.79 -1.49
C VAL A 251 6.41 -18.17 -1.72
N THR A 252 6.88 -18.82 -2.78
CA THR A 252 6.37 -20.13 -3.16
C THR A 252 6.94 -21.22 -2.25
N ASN A 253 6.46 -22.44 -2.41
CA ASN A 253 7.01 -23.62 -1.71
C ASN A 253 8.50 -23.89 -1.94
N THR A 254 9.07 -23.38 -3.03
CA THR A 254 10.51 -23.53 -3.29
C THR A 254 11.31 -22.28 -2.87
N GLY A 255 10.62 -21.25 -2.40
CA GLY A 255 11.27 -20.08 -1.84
C GLY A 255 11.34 -18.91 -2.80
N THR A 256 10.71 -19.02 -3.97
CA THR A 256 10.72 -17.93 -4.96
C THR A 256 9.84 -16.76 -4.49
N ILE A 257 10.39 -15.55 -4.55
CA ILE A 257 9.61 -14.36 -4.23
C ILE A 257 8.72 -14.04 -5.40
N ILE A 258 7.42 -13.99 -5.15
CA ILE A 258 6.46 -13.52 -6.14
C ILE A 258 6.18 -12.04 -5.89
N TYR A 259 6.72 -11.20 -6.75
CA TYR A 259 6.56 -9.77 -6.57
C TYR A 259 5.10 -9.42 -6.86
N PRO A 260 4.57 -8.40 -6.18
CA PRO A 260 3.16 -8.07 -6.29
C PRO A 260 2.63 -7.84 -7.71
N ASP A 261 3.45 -7.41 -8.66
CA ASP A 261 2.93 -7.28 -10.03
C ASP A 261 2.61 -8.65 -10.69
N ARG A 262 3.31 -9.70 -10.31
CA ARG A 262 3.00 -11.06 -10.79
C ARG A 262 1.84 -11.70 -10.03
N LEU A 263 1.76 -11.38 -8.74
CA LEU A 263 0.61 -11.71 -7.91
C LEU A 263 -0.67 -11.18 -8.57
N LEU A 264 -0.60 -9.93 -9.04
CA LEU A 264 -1.76 -9.27 -9.65
C LEU A 264 -2.22 -10.00 -10.91
N MET A 265 -1.32 -10.69 -11.61
CA MET A 265 -1.71 -11.46 -12.80
C MET A 265 -2.69 -12.56 -12.42
N LEU A 266 -2.36 -13.28 -11.35
CA LEU A 266 -3.23 -14.34 -10.84
C LEU A 266 -4.58 -13.79 -10.39
N PHE A 267 -4.55 -12.69 -9.64
CA PHE A 267 -5.77 -12.04 -9.18
C PHE A 267 -6.58 -11.49 -10.34
N ALA A 268 -5.91 -10.94 -11.34
CA ALA A 268 -6.61 -10.33 -12.48
C ALA A 268 -7.34 -11.39 -13.29
N LYS A 269 -6.69 -12.53 -13.49
CA LYS A 269 -7.33 -13.67 -14.16
C LYS A 269 -8.60 -14.08 -13.42
N ASP A 270 -8.51 -14.12 -12.09
CA ASP A 270 -9.60 -14.55 -11.21
C ASP A 270 -10.79 -13.58 -11.28
N VAL A 271 -10.51 -12.29 -11.08
CA VAL A 271 -11.56 -11.28 -11.06
C VAL A 271 -12.22 -11.13 -12.43
N VAL A 272 -11.42 -11.04 -13.49
CA VAL A 272 -11.96 -10.90 -14.84
C VAL A 272 -12.76 -12.14 -15.30
N SER A 273 -12.42 -13.33 -14.81
CA SER A 273 -13.14 -14.56 -15.19
C SER A 273 -14.62 -14.45 -14.86
N ARG A 274 -14.94 -13.78 -13.75
CA ARG A 274 -16.32 -13.58 -13.34
C ARG A 274 -16.89 -12.22 -13.75
N ASN A 275 -16.06 -11.32 -14.28
CA ASN A 275 -16.48 -9.96 -14.59
C ASN A 275 -15.91 -9.47 -15.92
N PRO A 276 -16.48 -9.96 -17.03
CA PRO A 276 -15.95 -9.60 -18.35
C PRO A 276 -15.85 -8.09 -18.56
N GLY A 277 -14.76 -7.62 -19.14
CA GLY A 277 -14.59 -6.20 -19.41
C GLY A 277 -14.14 -5.33 -18.23
N ALA A 278 -13.91 -5.92 -17.05
CA ALA A 278 -13.56 -5.15 -15.86
C ALA A 278 -12.26 -4.35 -16.01
N ASP A 279 -12.26 -3.13 -15.47
CA ASP A 279 -11.05 -2.33 -15.36
C ASP A 279 -10.19 -2.94 -14.28
N ILE A 280 -8.90 -3.07 -14.56
CA ILE A 280 -7.93 -3.50 -13.58
C ILE A 280 -6.77 -2.50 -13.56
N ILE A 281 -6.54 -1.92 -12.39
CA ILE A 281 -5.53 -0.87 -12.24
C ILE A 281 -4.22 -1.41 -11.69
N PHE A 282 -3.13 -0.86 -12.18
CA PHE A 282 -1.79 -1.15 -11.64
C PHE A 282 -0.94 0.11 -11.75
N ASP A 283 0.05 0.25 -10.88
CA ASP A 283 0.90 1.42 -10.95
C ASP A 283 2.04 1.32 -11.96
N VAL A 284 2.67 2.46 -12.24
CA VAL A 284 3.70 2.58 -13.26
C VAL A 284 4.95 1.75 -12.94
N LYS A 285 5.04 1.22 -11.72
CA LYS A 285 6.15 0.34 -11.35
C LYS A 285 5.98 -1.14 -11.71
N CYS A 286 4.82 -1.51 -12.28
CA CYS A 286 4.48 -2.91 -12.56
C CYS A 286 4.90 -3.36 -13.96
N THR A 287 5.18 -4.65 -14.08
CA THR A 287 5.62 -5.23 -15.34
C THR A 287 4.63 -5.00 -16.48
N ARG A 288 5.17 -4.73 -17.65
CA ARG A 288 4.36 -4.57 -18.86
C ARG A 288 3.58 -5.84 -19.19
N ARG A 289 4.07 -6.98 -18.75
CA ARG A 289 3.38 -8.25 -19.00
C ARG A 289 1.94 -8.26 -18.47
N LEU A 290 1.70 -7.48 -17.41
CA LEU A 290 0.39 -7.33 -16.81
C LEU A 290 -0.61 -6.68 -17.79
N ILE A 291 -0.14 -5.74 -18.62
CA ILE A 291 -1.03 -5.11 -19.61
C ILE A 291 -1.58 -6.14 -20.60
N ALA A 292 -0.70 -6.96 -21.15
CA ALA A 292 -1.10 -7.96 -22.13
C ALA A 292 -1.97 -9.03 -21.51
N LEU A 293 -1.58 -9.49 -20.32
CA LEU A 293 -2.31 -10.52 -19.57
C LEU A 293 -3.77 -10.11 -19.28
N ILE A 294 -3.96 -8.90 -18.77
CA ILE A 294 -5.31 -8.38 -18.49
C ILE A 294 -6.12 -8.24 -19.79
N SER A 295 -5.51 -7.64 -20.82
CA SER A 295 -6.16 -7.50 -22.14
C SER A 295 -6.56 -8.85 -22.74
N GLY A 296 -5.69 -9.85 -22.59
CA GLY A 296 -5.93 -11.17 -23.13
C GLY A 296 -7.15 -11.85 -22.51
N TYR A 297 -7.38 -11.59 -21.23
CA TYR A 297 -8.54 -12.13 -20.52
C TYR A 297 -9.81 -11.28 -20.75
N GLY A 298 -9.67 -10.20 -21.51
CA GLY A 298 -10.78 -9.30 -21.84
C GLY A 298 -10.99 -8.21 -20.80
N GLY A 299 -10.05 -8.05 -19.88
CA GLY A 299 -10.07 -6.92 -18.95
C GLY A 299 -9.55 -5.66 -19.63
N ARG A 300 -9.82 -4.51 -19.01
CA ARG A 300 -9.27 -3.24 -19.47
C ARG A 300 -8.14 -2.83 -18.52
N PRO A 301 -6.88 -2.93 -18.96
CA PRO A 301 -5.75 -2.57 -18.11
C PRO A 301 -5.66 -1.06 -18.00
N VAL A 302 -5.51 -0.54 -16.77
CA VAL A 302 -5.41 0.88 -16.51
C VAL A 302 -4.14 1.18 -15.71
N MET A 303 -3.15 1.77 -16.34
CA MET A 303 -1.91 2.16 -15.65
C MET A 303 -2.16 3.48 -14.94
N TRP A 304 -1.68 3.57 -13.70
CA TRP A 304 -1.87 4.78 -12.93
C TRP A 304 -0.69 5.09 -12.01
N LYS A 305 -0.80 6.21 -11.31
CA LYS A 305 0.21 6.73 -10.41
C LYS A 305 0.45 5.76 -9.26
N THR A 306 1.71 5.64 -8.89
CA THR A 306 2.10 5.02 -7.64
C THR A 306 1.53 5.80 -6.45
N GLY A 307 1.17 5.07 -5.38
CA GLY A 307 0.71 5.66 -4.13
C GLY A 307 -0.67 5.18 -3.80
N HIS A 308 -0.84 4.59 -2.61
CA HIS A 308 -2.08 3.95 -2.23
C HIS A 308 -3.31 4.85 -2.35
N SER A 309 -3.20 6.09 -1.90
CA SER A 309 -4.32 7.04 -1.92
C SER A 309 -4.74 7.39 -3.35
N LEU A 310 -3.74 7.52 -4.23
CA LEU A 310 -3.96 7.83 -5.63
C LEU A 310 -4.61 6.65 -6.37
N ILE A 311 -4.18 5.44 -6.08
CA ILE A 311 -4.82 4.24 -6.62
C ILE A 311 -6.27 4.13 -6.14
N LYS A 312 -6.52 4.43 -4.87
CA LYS A 312 -7.87 4.36 -4.32
C LYS A 312 -8.81 5.35 -5.00
N LYS A 313 -8.33 6.56 -5.28
CA LYS A 313 -9.12 7.55 -5.99
C LYS A 313 -9.40 7.11 -7.42
N LYS A 314 -8.40 6.51 -8.06
CA LYS A 314 -8.55 6.04 -9.43
C LYS A 314 -9.59 4.91 -9.52
N MET A 315 -9.65 4.09 -8.48
N MET A 315 -9.69 4.10 -8.49
CA MET A 315 -10.65 3.04 -8.34
CA MET A 315 -10.68 3.03 -8.45
C MET A 315 -12.06 3.60 -8.47
C MET A 315 -12.10 3.58 -8.45
N LYS A 316 -12.32 4.69 -7.74
CA LYS A 316 -13.64 5.33 -7.76
C LYS A 316 -13.95 5.89 -9.14
N GLU A 317 -12.97 6.54 -9.76
CA GLU A 317 -13.18 7.18 -11.04
C GLU A 317 -13.42 6.22 -12.21
N THR A 318 -12.89 5.01 -12.13
CA THR A 318 -12.98 4.05 -13.22
C THR A 318 -14.01 2.94 -13.01
N GLY A 319 -14.39 2.71 -11.76
CA GLY A 319 -15.14 1.54 -11.38
C GLY A 319 -14.34 0.23 -11.41
N ALA A 320 -13.03 0.32 -11.24
CA ALA A 320 -12.16 -0.87 -11.34
C ALA A 320 -12.54 -1.87 -10.27
N LEU A 321 -12.57 -3.14 -10.61
CA LEU A 321 -12.85 -4.19 -9.63
C LEU A 321 -11.62 -4.69 -8.89
N LEU A 322 -10.45 -4.30 -9.37
CA LEU A 322 -9.20 -4.70 -8.74
C LEU A 322 -8.12 -3.68 -9.07
N ALA A 323 -7.24 -3.44 -8.10
CA ALA A 323 -6.03 -2.65 -8.34
C ALA A 323 -4.89 -3.23 -7.54
N GLY A 324 -3.67 -2.98 -7.99
CA GLY A 324 -2.50 -3.39 -7.24
C GLY A 324 -1.31 -2.52 -7.55
N GLU A 325 -0.42 -2.40 -6.57
CA GLU A 325 0.86 -1.73 -6.74
C GLU A 325 2.00 -2.70 -6.60
N MET A 326 3.12 -2.34 -7.24
CA MET A 326 4.36 -3.12 -7.12
C MET A 326 4.81 -3.28 -5.66
N SER A 327 4.45 -2.32 -4.81
CA SER A 327 4.82 -2.36 -3.39
C SER A 327 4.01 -3.39 -2.59
N GLY A 328 2.96 -3.94 -3.18
CA GLY A 328 2.17 -4.96 -2.51
C GLY A 328 0.89 -4.46 -1.85
N HIS A 329 0.49 -3.22 -2.11
CA HIS A 329 -0.85 -2.73 -1.80
C HIS A 329 -1.76 -3.30 -2.87
N VAL A 330 -2.72 -4.14 -2.48
CA VAL A 330 -3.65 -4.80 -3.39
C VAL A 330 -5.06 -4.48 -2.95
N PHE A 331 -5.87 -3.99 -3.89
CA PHE A 331 -7.18 -3.42 -3.63
C PHE A 331 -8.28 -4.21 -4.35
N PHE A 332 -8.97 -5.09 -3.64
CA PHE A 332 -10.12 -5.79 -4.20
C PHE A 332 -11.38 -4.96 -4.03
N LYS A 333 -12.08 -4.68 -5.12
CA LYS A 333 -13.46 -4.18 -5.03
C LYS A 333 -14.44 -5.35 -5.18
N GLU A 334 -14.19 -6.26 -6.13
CA GLU A 334 -15.01 -7.47 -6.27
C GLU A 334 -15.02 -8.27 -4.98
N ARG A 335 -16.22 -8.60 -4.52
CA ARG A 335 -16.50 -9.28 -3.24
C ARG A 335 -15.98 -8.53 -2.00
N TRP A 336 -15.61 -7.27 -2.18
CA TRP A 336 -14.95 -6.53 -1.10
C TRP A 336 -15.33 -5.05 -1.17
N PHE A 337 -14.46 -4.17 -0.66
CA PHE A 337 -14.81 -2.76 -0.46
C PHE A 337 -13.94 -1.77 -1.25
N GLY A 338 -12.89 -2.27 -1.91
CA GLY A 338 -12.08 -1.42 -2.77
C GLY A 338 -10.84 -0.84 -2.11
N PHE A 339 -10.63 -1.13 -0.82
CA PHE A 339 -9.46 -0.60 -0.16
C PHE A 339 -8.33 -1.63 -0.13
N ASP A 340 -7.10 -1.17 0.06
CA ASP A 340 -5.93 -2.05 0.12
C ASP A 340 -5.87 -2.80 1.45
N ASP A 341 -5.53 -4.07 1.36
CA ASP A 341 -5.70 -5.00 2.47
C ASP A 341 -4.86 -6.23 2.19
N GLY A 342 -3.71 -6.31 2.84
CA GLY A 342 -2.81 -7.44 2.70
C GLY A 342 -3.39 -8.73 3.23
N ILE A 343 -4.21 -8.63 4.29
CA ILE A 343 -4.76 -9.81 4.93
C ILE A 343 -5.84 -10.42 4.05
N TYR A 344 -6.77 -9.58 3.60
CA TYR A 344 -7.79 -10.00 2.68
C TYR A 344 -7.15 -10.53 1.38
N SER A 345 -6.09 -9.88 0.92
CA SER A 345 -5.43 -10.29 -0.31
C SER A 345 -4.81 -11.68 -0.14
N ALA A 346 -4.23 -11.93 1.04
CA ALA A 346 -3.68 -13.24 1.36
C ALA A 346 -4.77 -14.31 1.33
N ALA A 347 -5.95 -13.97 1.86
CA ALA A 347 -7.08 -14.88 1.86
C ALA A 347 -7.53 -15.19 0.44
N ARG A 348 -7.55 -14.18 -0.43
CA ARG A 348 -7.95 -14.39 -1.82
C ARG A 348 -6.92 -15.27 -2.55
N LEU A 349 -5.64 -15.09 -2.24
CA LEU A 349 -4.56 -15.89 -2.83
C LEU A 349 -4.66 -17.35 -2.43
N LEU A 350 -4.95 -17.60 -1.15
CA LEU A 350 -5.10 -18.96 -0.64
C LEU A 350 -6.30 -19.68 -1.24
N GLU A 351 -7.39 -18.96 -1.42
CA GLU A 351 -8.55 -19.51 -2.11
C GLU A 351 -8.20 -20.03 -3.51
N ILE A 352 -7.48 -19.21 -4.29
CA ILE A 352 -7.12 -19.57 -5.66
C ILE A 352 -6.12 -20.73 -5.69
N LEU A 353 -5.10 -20.68 -4.85
CA LEU A 353 -4.06 -21.70 -4.82
C LEU A 353 -4.58 -23.06 -4.38
N SER A 354 -5.58 -23.04 -3.50
CA SER A 354 -6.11 -24.27 -2.91
C SER A 354 -6.98 -25.01 -3.91
N GLN A 355 -7.46 -24.31 -4.94
CA GLN A 355 -8.27 -24.91 -6.02
C GLN A 355 -7.43 -25.45 -7.16
N ASP A 356 -6.11 -25.30 -7.06
CA ASP A 356 -5.19 -25.78 -8.08
C ASP A 356 -4.43 -26.99 -7.54
N GLN A 357 -4.34 -28.04 -8.35
CA GLN A 357 -3.62 -29.27 -7.96
C GLN A 357 -2.10 -29.07 -7.88
N ARG A 358 -1.57 -28.17 -8.69
CA ARG A 358 -0.14 -27.85 -8.70
C ARG A 358 0.29 -27.07 -7.46
N ASP A 359 1.60 -27.08 -7.20
CA ASP A 359 2.15 -26.29 -6.10
C ASP A 359 2.27 -24.82 -6.52
N SER A 360 2.51 -23.94 -5.55
CA SER A 360 2.47 -22.49 -5.81
C SER A 360 3.60 -22.06 -6.75
N GLU A 361 4.74 -22.72 -6.67
CA GLU A 361 5.85 -22.46 -7.59
C GLU A 361 5.41 -22.62 -9.04
N HIS A 362 4.73 -23.73 -9.34
CA HIS A 362 4.29 -24.01 -10.72
C HIS A 362 3.12 -23.14 -11.17
N VAL A 363 2.20 -22.84 -10.27
CA VAL A 363 1.11 -21.93 -10.58
C VAL A 363 1.67 -20.58 -11.06
N PHE A 364 2.67 -20.03 -10.36
CA PHE A 364 3.25 -18.75 -10.77
C PHE A 364 4.27 -18.80 -11.91
N SER A 365 5.03 -19.90 -12.01
CA SER A 365 6.04 -20.00 -13.06
C SER A 365 5.41 -20.15 -14.44
N ALA A 366 4.12 -20.50 -14.49
CA ALA A 366 3.41 -20.63 -15.76
C ALA A 366 3.28 -19.29 -16.51
N PHE A 367 3.22 -18.18 -15.78
CA PHE A 367 3.08 -16.86 -16.39
C PHE A 367 4.41 -16.36 -17.01
N PRO A 368 4.32 -15.63 -18.12
CA PRO A 368 5.51 -15.07 -18.77
C PRO A 368 6.29 -14.19 -17.80
N SER A 369 7.61 -14.26 -17.92
CA SER A 369 8.51 -13.51 -17.07
C SER A 369 9.52 -12.74 -17.92
N ASP A 370 9.93 -11.60 -17.41
CA ASP A 370 11.04 -10.84 -17.98
C ASP A 370 12.16 -10.77 -16.96
N ILE A 371 13.31 -10.31 -17.42
CA ILE A 371 14.44 -9.99 -16.54
C ILE A 371 14.14 -8.64 -15.92
N SER A 372 14.16 -8.55 -14.60
CA SER A 372 13.86 -7.27 -13.94
C SER A 372 15.02 -6.79 -13.06
N THR A 373 15.03 -5.48 -12.81
CA THR A 373 15.94 -4.91 -11.83
C THR A 373 15.26 -4.91 -10.48
N PRO A 374 16.07 -4.91 -9.43
CA PRO A 374 15.56 -4.47 -8.13
C PRO A 374 15.35 -2.96 -8.23
N GLU A 375 14.46 -2.41 -7.41
CA GLU A 375 14.28 -0.95 -7.35
C GLU A 375 15.63 -0.23 -7.35
N ILE A 376 15.68 0.87 -8.09
CA ILE A 376 16.81 1.77 -8.04
C ILE A 376 16.32 3.07 -7.39
N ASN A 377 17.12 3.61 -6.48
CA ASN A 377 16.79 4.86 -5.81
C ASN A 377 18.00 5.78 -5.95
N ILE A 378 17.76 7.03 -6.34
CA ILE A 378 18.80 8.04 -6.40
C ILE A 378 18.40 9.17 -5.45
N THR A 379 19.23 9.42 -4.45
CA THR A 379 18.96 10.53 -3.54
C THR A 379 19.29 11.87 -4.22
N VAL A 380 18.28 12.73 -4.27
CA VAL A 380 18.39 14.12 -4.69
C VAL A 380 17.93 14.99 -3.49
N THR A 381 17.19 16.07 -3.73
CA THR A 381 16.60 16.85 -2.62
C THR A 381 15.08 16.89 -2.74
N GLU A 382 14.41 17.16 -1.63
CA GLU A 382 12.95 17.28 -1.61
C GLU A 382 12.48 18.41 -2.51
N ASP A 383 13.27 19.49 -2.57
CA ASP A 383 12.88 20.70 -3.32
C ASP A 383 13.41 20.69 -4.77
N SER A 384 14.06 19.61 -5.18
CA SER A 384 14.53 19.52 -6.58
C SER A 384 13.97 18.28 -7.33
N LYS A 385 13.42 17.31 -6.59
CA LYS A 385 13.03 16.05 -7.22
C LYS A 385 11.94 16.23 -8.28
N PHE A 386 10.93 17.05 -7.98
CA PHE A 386 9.86 17.31 -8.95
C PHE A 386 10.31 18.09 -10.19
N ALA A 387 11.28 18.98 -10.00
CA ALA A 387 11.81 19.78 -11.09
C ALA A 387 12.68 18.94 -12.02
N ILE A 388 13.38 17.93 -11.49
CA ILE A 388 14.13 17.02 -12.35
C ILE A 388 13.16 16.28 -13.27
N ILE A 389 12.06 15.83 -12.71
CA ILE A 389 11.05 15.11 -13.48
C ILE A 389 10.45 16.06 -14.50
N GLU A 390 10.16 17.27 -14.08
CA GLU A 390 9.54 18.25 -14.96
C GLU A 390 10.46 18.50 -16.14
N ALA A 391 11.76 18.63 -15.87
CA ALA A 391 12.76 18.83 -16.94
C ALA A 391 12.83 17.64 -17.89
N LEU A 392 12.79 16.41 -17.36
CA LEU A 392 12.74 15.23 -18.22
C LEU A 392 11.50 15.25 -19.13
N GLN A 393 10.36 15.60 -18.55
CA GLN A 393 9.08 15.65 -19.28
C GLN A 393 9.07 16.74 -20.36
N ARG A 394 9.79 17.82 -20.13
CA ARG A 394 9.91 18.88 -21.12
C ARG A 394 10.93 18.53 -22.21
N ASP A 395 12.10 18.04 -21.79
CA ASP A 395 13.32 18.06 -22.62
C ASP A 395 13.74 16.70 -23.21
N ALA A 396 13.43 15.61 -22.52
CA ALA A 396 14.06 14.33 -22.83
C ALA A 396 13.58 13.74 -24.15
N GLN A 397 14.47 12.97 -24.77
CA GLN A 397 14.18 12.20 -25.97
C GLN A 397 14.44 10.73 -25.65
N TRP A 398 13.47 9.87 -26.01
CA TRP A 398 13.44 8.48 -25.54
C TRP A 398 13.56 7.45 -26.64
N GLY A 399 13.67 7.94 -27.87
CA GLY A 399 13.63 7.09 -29.05
C GLY A 399 12.22 6.58 -29.26
N GLU A 400 12.07 5.58 -30.13
CA GLU A 400 10.78 4.98 -30.44
C GLU A 400 10.22 4.15 -29.29
N GLY A 401 9.01 4.49 -28.88
CA GLY A 401 8.39 3.86 -27.73
C GLY A 401 7.08 4.50 -27.33
N ASN A 402 6.34 3.84 -26.46
CA ASN A 402 5.12 4.40 -25.90
C ASN A 402 5.47 5.12 -24.60
N ILE A 403 5.42 6.44 -24.63
CA ILE A 403 5.77 7.30 -23.51
C ILE A 403 4.53 7.69 -22.70
N THR A 404 4.62 7.49 -21.39
CA THR A 404 3.59 7.81 -20.42
C THR A 404 4.20 8.76 -19.40
N THR A 405 3.62 9.96 -19.24
CA THR A 405 4.09 10.90 -18.25
C THR A 405 3.10 11.11 -17.10
N LEU A 406 2.20 10.17 -16.87
CA LEU A 406 1.21 10.37 -15.82
C LEU A 406 1.87 10.38 -14.43
N ASP A 407 3.01 9.71 -14.30
CA ASP A 407 3.83 9.75 -13.09
C ASP A 407 5.30 9.57 -13.44
N GLY A 408 6.01 10.68 -13.57
CA GLY A 408 7.39 10.66 -14.02
C GLY A 408 7.41 10.44 -15.52
N VAL A 409 8.37 9.66 -15.98
CA VAL A 409 8.37 9.21 -17.36
C VAL A 409 8.58 7.70 -17.40
N ARG A 410 7.61 7.01 -17.97
CA ARG A 410 7.73 5.60 -18.29
C ARG A 410 7.72 5.45 -19.81
N VAL A 411 8.60 4.59 -20.33
CA VAL A 411 8.64 4.31 -21.77
C VAL A 411 8.57 2.81 -21.95
N ASP A 412 7.58 2.36 -22.73
CA ASP A 412 7.41 0.95 -23.03
C ASP A 412 7.88 0.70 -24.45
N TYR A 413 8.92 -0.11 -24.57
CA TYR A 413 9.54 -0.46 -25.84
C TYR A 413 9.02 -1.84 -26.26
N PRO A 414 9.23 -2.25 -27.50
CA PRO A 414 8.78 -3.58 -27.95
C PRO A 414 9.22 -4.72 -27.01
N LYS A 415 10.44 -4.67 -26.46
CA LYS A 415 11.01 -5.81 -25.73
C LYS A 415 11.34 -5.48 -24.27
N GLY A 416 10.87 -4.34 -23.79
CA GLY A 416 11.09 -3.96 -22.40
C GLY A 416 10.53 -2.58 -22.07
N TRP A 417 10.82 -2.11 -20.85
CA TRP A 417 10.41 -0.79 -20.43
C TRP A 417 11.31 -0.23 -19.32
N GLY A 418 11.24 1.09 -19.17
CA GLY A 418 11.97 1.83 -18.14
C GLY A 418 11.08 2.87 -17.51
N LEU A 419 11.38 3.25 -16.28
CA LEU A 419 10.61 4.23 -15.52
C LEU A 419 11.55 5.08 -14.67
N VAL A 420 11.31 6.38 -14.66
CA VAL A 420 11.87 7.25 -13.62
C VAL A 420 10.75 8.16 -13.08
N ARG A 421 10.62 8.19 -11.76
CA ARG A 421 9.65 9.06 -11.10
C ARG A 421 10.17 9.54 -9.75
N ALA A 422 9.56 10.60 -9.23
CA ALA A 422 9.82 11.11 -7.90
C ALA A 422 9.01 10.34 -6.86
N SER A 423 9.69 9.87 -5.82
CA SER A 423 9.04 9.34 -4.65
C SER A 423 8.27 10.47 -3.93
N ASN A 424 7.13 10.14 -3.35
CA ASN A 424 6.35 11.08 -2.56
C ASN A 424 6.45 10.79 -1.05
N THR A 425 7.39 9.93 -0.65
CA THR A 425 7.64 9.64 0.77
C THR A 425 9.07 9.91 1.21
N THR A 426 9.98 10.07 0.25
CA THR A 426 11.42 10.26 0.49
C THR A 426 12.01 11.17 -0.60
N PRO A 427 13.17 11.77 -0.37
CA PRO A 427 13.82 12.68 -1.35
C PRO A 427 14.66 11.98 -2.43
N VAL A 428 13.97 11.18 -3.23
CA VAL A 428 14.61 10.17 -4.06
C VAL A 428 13.89 10.08 -5.42
N LEU A 429 14.66 9.82 -6.49
CA LEU A 429 14.11 9.34 -7.75
C LEU A 429 14.07 7.82 -7.69
N VAL A 430 12.98 7.25 -8.16
CA VAL A 430 12.76 5.81 -8.20
C VAL A 430 12.82 5.37 -9.67
N LEU A 431 13.64 4.37 -9.98
CA LEU A 431 13.73 3.85 -11.35
C LEU A 431 13.46 2.35 -11.35
N ARG A 432 12.84 1.87 -12.43
CA ARG A 432 12.71 0.43 -12.66
C ARG A 432 13.00 0.14 -14.14
N PHE A 433 13.61 -0.99 -14.41
CA PHE A 433 13.84 -1.46 -15.78
C PHE A 433 13.55 -2.95 -15.88
N GLU A 434 13.02 -3.35 -17.02
CA GLU A 434 12.77 -4.75 -17.28
C GLU A 434 12.80 -4.98 -18.79
N ALA A 435 13.27 -6.16 -19.20
CA ALA A 435 13.38 -6.49 -20.62
C ALA A 435 13.37 -8.00 -20.86
N ASP A 436 13.14 -8.37 -22.12
CA ASP A 436 13.22 -9.74 -22.64
C ASP A 436 14.56 -10.39 -22.44
N THR A 437 15.60 -9.59 -22.69
CA THR A 437 16.99 -10.05 -22.63
C THR A 437 17.85 -9.05 -21.85
N GLU A 438 19.03 -9.51 -21.42
CA GLU A 438 20.01 -8.66 -20.76
C GLU A 438 20.47 -7.53 -21.67
N GLU A 439 20.53 -7.82 -22.98
CA GLU A 439 20.99 -6.87 -23.99
C GLU A 439 20.03 -5.69 -24.09
N GLU A 440 18.74 -5.99 -24.09
CA GLU A 440 17.74 -4.94 -24.16
C GLU A 440 17.67 -4.18 -22.85
N LEU A 441 17.80 -4.90 -21.74
CA LEU A 441 17.85 -4.27 -20.42
C LEU A 441 18.92 -3.18 -20.39
N GLU A 442 20.08 -3.45 -20.98
CA GLU A 442 21.20 -2.51 -21.00
C GLU A 442 20.98 -1.38 -21.99
N ARG A 443 20.32 -1.66 -23.11
CA ARG A 443 20.01 -0.63 -24.07
C ARG A 443 19.06 0.41 -23.43
N ILE A 444 18.03 -0.08 -22.74
CA ILE A 444 17.08 0.80 -22.05
C ILE A 444 17.76 1.58 -20.91
N LYS A 445 18.54 0.90 -20.09
CA LYS A 445 19.30 1.56 -19.04
C LYS A 445 20.16 2.71 -19.60
N THR A 446 20.82 2.46 -20.72
CA THR A 446 21.66 3.47 -21.36
C THR A 446 20.86 4.70 -21.84
N VAL A 447 19.65 4.47 -22.36
CA VAL A 447 18.79 5.57 -22.78
C VAL A 447 18.48 6.43 -21.56
N PHE A 448 18.08 5.80 -20.47
CA PHE A 448 17.73 6.55 -19.27
C PHE A 448 18.94 7.24 -18.66
N ARG A 449 20.10 6.58 -18.64
CA ARG A 449 21.32 7.19 -18.11
C ARG A 449 21.64 8.48 -18.87
N ASN A 450 21.55 8.44 -20.19
CA ASN A 450 21.86 9.60 -21.01
C ASN A 450 20.85 10.72 -20.82
N GLN A 451 19.58 10.39 -20.63
CA GLN A 451 18.56 11.42 -20.46
C GLN A 451 18.67 12.14 -19.10
N LEU A 452 19.03 11.39 -18.07
CA LEU A 452 19.32 11.98 -16.76
C LEU A 452 20.52 12.92 -16.82
N LYS A 453 21.57 12.47 -17.50
CA LYS A 453 22.79 13.26 -17.66
C LYS A 453 22.61 14.51 -18.51
N ALA A 454 21.67 14.48 -19.46
CA ALA A 454 21.39 15.65 -20.29
C ALA A 454 20.65 16.73 -19.51
N VAL A 455 19.92 16.32 -18.46
CA VAL A 455 19.23 17.26 -17.58
C VAL A 455 20.26 17.88 -16.62
N ASP A 456 21.03 17.00 -15.98
CA ASP A 456 22.04 17.40 -15.00
C ASP A 456 23.16 16.37 -15.02
N SER A 457 24.28 16.72 -15.64
CA SER A 457 25.42 15.81 -15.81
C SER A 457 26.09 15.40 -14.49
N SER A 458 25.71 16.05 -13.40
CA SER A 458 26.20 15.69 -12.06
C SER A 458 25.35 14.62 -11.34
N LEU A 459 24.16 14.33 -11.84
CA LEU A 459 23.28 13.32 -11.22
C LEU A 459 23.98 11.96 -11.13
N PRO A 460 23.86 11.28 -10.00
CA PRO A 460 24.29 9.88 -9.89
C PRO A 460 23.48 9.01 -10.85
N VAL A 461 24.14 8.01 -11.41
CA VAL A 461 23.46 7.04 -12.24
C VAL A 461 23.97 5.67 -11.80
N PRO A 462 23.48 5.20 -10.66
CA PRO A 462 24.00 3.99 -10.02
C PRO A 462 23.41 2.74 -10.65
N PHE A 463 23.41 2.69 -11.98
CA PHE A 463 22.83 1.57 -12.72
C PHE A 463 23.39 1.58 -14.14
#